data_3CHT
#
_entry.id   3CHT
#
_cell.length_a   58.143
_cell.length_b   77.188
_cell.length_c   140.405
_cell.angle_alpha   90.00
_cell.angle_beta   90.00
_cell.angle_gamma   90.00
#
_symmetry.space_group_name_H-M   'P 21 21 21'
#
loop_
_entity.id
_entity.type
_entity.pdbx_description
1 polymer 'p-Aminobenzoate N-Oxygenase'
2 non-polymer MU-OXO-DIIRON
3 non-polymer '4-NITROBENZOIC ACID'
4 water water
#
_entity_poly.entity_id   1
_entity_poly.type   'polypeptide(L)'
_entity_poly.pdbx_seq_one_letter_code
;MREEQPHLATTWAARGWVEEEGIGSATLGRLVRAWPRRAAVVNKADILDEWADYDTLVPDYPLEIVPFAEHPLFLAAEPH
QRQRVLTGMWIGYNERVIATEQLIAEPAFDLVMHGVFPGSDDPLIRKSVQQAIVDESFHTYMHMLAIDRTRELRKISERP
PQPELVTYRRLRRVLADMPEQWERDIAVLVWGAVAETCINALLALLARDATIQPMHSLITTLHLRDETAHGSIVVEVVRE
LYARMNEQQRRALVRCLPIALEAFAEQDLSALLLELNAAGIRGAEEIVGDLRSTAGGTRLVRDFSGARKMVEQLGLDDAV
DFDFPERPDWSPHTPR
;
_entity_poly.pdbx_strand_id   A,B
#
loop_
_chem_comp.id
_chem_comp.type
_chem_comp.name
_chem_comp.formula
4NB non-polymer '4-NITROBENZOIC ACID' 'C7 H5 N O4'
FEO non-polymer MU-OXO-DIIRON 'Fe2 O'
#
# COMPACT_ATOMS: atom_id res chain seq x y z
N GLY A 24 -10.74 11.13 -21.73
CA GLY A 24 -9.47 10.45 -21.28
C GLY A 24 -9.15 9.14 -22.00
N SER A 25 -8.00 8.58 -21.67
CA SER A 25 -7.47 7.39 -22.31
C SER A 25 -8.45 6.21 -22.27
N ALA A 26 -8.78 5.66 -23.43
CA ALA A 26 -9.64 4.48 -23.50
C ALA A 26 -8.95 3.24 -22.94
N THR A 27 -7.64 3.15 -23.17
CA THR A 27 -6.79 2.12 -22.56
C THR A 27 -6.94 2.15 -21.04
N LEU A 28 -6.77 3.33 -20.44
CA LEU A 28 -6.95 3.47 -18.99
C LEU A 28 -8.38 3.12 -18.51
N GLY A 29 -9.39 3.53 -19.27
CA GLY A 29 -10.78 3.23 -18.92
C GLY A 29 -11.00 1.73 -18.90
N ARG A 30 -10.54 1.07 -19.97
CA ARG A 30 -10.53 -0.39 -20.08
C ARG A 30 -9.84 -1.08 -18.89
N LEU A 31 -8.63 -0.64 -18.58
CA LEU A 31 -7.85 -1.23 -17.51
C LEU A 31 -8.52 -1.11 -16.14
N VAL A 32 -9.06 0.09 -15.85
CA VAL A 32 -9.78 0.36 -14.60
C VAL A 32 -11.02 -0.54 -14.44
N ARG A 33 -11.80 -0.68 -15.51
CA ARG A 33 -12.98 -1.54 -15.52
C ARG A 33 -12.65 -3.02 -15.39
N ALA A 34 -11.51 -3.44 -15.95
CA ALA A 34 -11.10 -4.84 -15.96
C ALA A 34 -10.46 -5.29 -14.64
N TRP A 35 -10.03 -4.33 -13.84
CA TRP A 35 -9.20 -4.64 -12.66
C TRP A 35 -9.79 -5.73 -11.74
N PRO A 36 -11.09 -5.63 -11.38
CA PRO A 36 -11.71 -6.69 -10.57
C PRO A 36 -11.68 -8.07 -11.21
N ARG A 37 -11.80 -8.15 -12.54
CA ARG A 37 -11.80 -9.48 -13.14
C ARG A 37 -10.38 -10.04 -13.29
N ARG A 38 -9.40 -9.16 -13.21
CA ARG A 38 -8.00 -9.49 -13.53
C ARG A 38 -7.08 -9.65 -12.30
N ALA A 39 -7.27 -8.83 -11.28
CA ALA A 39 -6.29 -8.71 -10.19
C ALA A 39 -6.08 -9.99 -9.38
N ALA A 40 -4.81 -10.28 -9.07
CA ALA A 40 -4.45 -11.41 -8.20
C ALA A 40 -5.12 -11.34 -6.82
N VAL A 41 -5.12 -10.16 -6.21
CA VAL A 41 -5.73 -9.96 -4.87
C VAL A 41 -7.22 -10.37 -4.83
N VAL A 42 -7.91 -10.19 -5.96
CA VAL A 42 -9.33 -10.51 -6.04
C VAL A 42 -9.50 -11.99 -6.27
N ASN A 43 -8.72 -12.53 -7.18
CA ASN A 43 -9.00 -13.83 -7.71
C ASN A 43 -8.17 -14.97 -7.08
N LYS A 44 -7.20 -14.62 -6.24
CA LYS A 44 -6.44 -15.64 -5.53
C LYS A 44 -5.91 -15.13 -4.17
N ALA A 45 -6.79 -14.46 -3.42
CA ALA A 45 -6.44 -13.97 -2.09
C ALA A 45 -6.03 -15.12 -1.15
N ASP A 46 -6.54 -16.32 -1.41
CA ASP A 46 -6.25 -17.47 -0.57
C ASP A 46 -4.96 -18.22 -0.91
N ILE A 47 -3.96 -17.49 -1.38
CA ILE A 47 -2.66 -18.05 -1.76
C ILE A 47 -1.96 -18.82 -0.62
N LEU A 48 -2.20 -18.42 0.62
CA LEU A 48 -1.57 -19.07 1.78
C LEU A 48 -1.86 -20.58 1.80
N ASP A 49 -3.10 -20.94 1.50
CA ASP A 49 -3.55 -22.34 1.53
C ASP A 49 -2.91 -23.22 0.45
N GLU A 50 -2.20 -22.60 -0.49
CA GLU A 50 -1.59 -23.34 -1.60
C GLU A 50 -0.42 -24.23 -1.18
N TRP A 51 0.07 -24.06 0.04
CA TRP A 51 1.10 -24.95 0.58
C TRP A 51 0.51 -26.18 1.27
N ALA A 52 -0.80 -26.37 1.14
CA ALA A 52 -1.56 -27.40 1.88
C ALA A 52 -1.01 -28.83 1.87
N ASP A 53 -0.61 -29.34 0.71
CA ASP A 53 -0.11 -30.72 0.62
C ASP A 53 1.31 -30.77 0.06
N TYR A 54 2.21 -30.08 0.76
CA TYR A 54 3.58 -29.85 0.32
C TYR A 54 4.35 -31.13 -0.03
N ASP A 55 5.13 -31.05 -1.11
CA ASP A 55 6.01 -32.14 -1.57
C ASP A 55 7.48 -31.70 -1.56
N THR A 56 8.21 -32.10 -0.52
CA THR A 56 9.63 -31.76 -0.35
C THR A 56 10.51 -32.18 -1.51
N LEU A 57 10.06 -33.19 -2.25
CA LEU A 57 10.89 -33.79 -3.30
C LEU A 57 11.00 -32.93 -4.58
N VAL A 58 10.18 -31.90 -4.66
CA VAL A 58 10.12 -31.06 -5.87
C VAL A 58 10.97 -29.79 -5.67
N PRO A 59 11.80 -29.43 -6.68
CA PRO A 59 12.73 -28.30 -6.55
C PRO A 59 12.05 -26.94 -6.40
N ASP A 60 12.77 -25.96 -5.84
CA ASP A 60 12.24 -24.61 -5.65
C ASP A 60 12.47 -23.70 -6.87
N TYR A 61 13.43 -24.06 -7.70
CA TYR A 61 13.92 -23.20 -8.79
C TYR A 61 14.36 -24.09 -9.94
N PRO A 62 14.15 -23.66 -11.20
CA PRO A 62 14.47 -24.56 -12.31
C PRO A 62 15.94 -24.49 -12.74
N LEU A 63 16.61 -25.64 -12.75
CA LEU A 63 18.01 -25.71 -13.15
C LEU A 63 18.23 -25.11 -14.54
N GLU A 64 17.25 -25.31 -15.42
CA GLU A 64 17.27 -24.83 -16.81
C GLU A 64 17.47 -23.32 -16.95
N ILE A 65 17.13 -22.54 -15.93
CA ILE A 65 17.32 -21.08 -16.02
C ILE A 65 18.48 -20.60 -15.15
N VAL A 66 19.20 -21.55 -14.56
CA VAL A 66 20.42 -21.25 -13.81
C VAL A 66 21.60 -21.17 -14.79
N PRO A 67 22.23 -19.98 -14.90
CA PRO A 67 23.32 -19.71 -15.88
C PRO A 67 24.57 -20.60 -15.75
N PHE A 68 24.88 -21.01 -14.52
CA PHE A 68 26.02 -21.89 -14.25
C PHE A 68 25.63 -23.36 -14.07
N ALA A 69 24.38 -23.70 -14.43
CA ALA A 69 23.85 -25.05 -14.27
C ALA A 69 24.79 -26.14 -14.77
N GLU A 70 25.32 -25.98 -15.97
CA GLU A 70 26.09 -27.06 -16.58
C GLU A 70 27.59 -26.81 -16.48
N HIS A 71 28.00 -25.96 -15.54
CA HIS A 71 29.43 -25.72 -15.28
C HIS A 71 30.00 -26.91 -14.49
N PRO A 72 31.14 -27.46 -14.95
CA PRO A 72 31.78 -28.56 -14.22
C PRO A 72 31.93 -28.36 -12.70
N LEU A 73 32.28 -27.16 -12.26
CA LEU A 73 32.43 -26.90 -10.82
C LEU A 73 31.12 -26.91 -10.02
N PHE A 74 30.01 -26.61 -10.69
CA PHE A 74 28.69 -26.71 -10.10
C PHE A 74 28.24 -28.16 -10.18
N LEU A 75 28.58 -28.82 -11.27
CA LEU A 75 28.26 -30.24 -11.40
C LEU A 75 29.15 -31.12 -10.49
N ALA A 76 30.32 -30.61 -10.13
CA ALA A 76 31.22 -31.35 -9.23
C ALA A 76 30.69 -31.43 -7.79
N ALA A 77 29.83 -30.48 -7.42
CA ALA A 77 29.19 -30.44 -6.10
C ALA A 77 28.32 -31.67 -5.84
N GLU A 78 27.88 -31.80 -4.60
CA GLU A 78 26.99 -32.86 -4.19
C GLU A 78 25.56 -32.45 -4.47
N PRO A 79 24.67 -33.42 -4.76
CA PRO A 79 23.29 -33.08 -5.09
C PRO A 79 22.63 -32.11 -4.11
N HIS A 80 22.80 -32.33 -2.80
CA HIS A 80 22.18 -31.44 -1.81
C HIS A 80 22.75 -30.03 -1.85
N GLN A 81 24.01 -29.89 -2.25
CA GLN A 81 24.58 -28.54 -2.39
C GLN A 81 23.94 -27.79 -3.56
N ARG A 82 23.77 -28.46 -4.71
CA ARG A 82 23.07 -27.86 -5.85
C ARG A 82 21.63 -27.49 -5.47
N GLN A 83 20.96 -28.37 -4.74
CA GLN A 83 19.62 -28.06 -4.25
C GLN A 83 19.58 -26.83 -3.33
N ARG A 84 20.57 -26.67 -2.47
CA ARG A 84 20.63 -25.46 -1.62
C ARG A 84 20.79 -24.18 -2.44
N VAL A 85 21.57 -24.25 -3.51
CA VAL A 85 21.73 -23.08 -4.42
C VAL A 85 20.40 -22.74 -5.07
N LEU A 86 19.69 -23.75 -5.56
CA LEU A 86 18.39 -23.53 -6.18
C LEU A 86 17.41 -22.87 -5.21
N THR A 87 17.29 -23.44 -4.01
CA THR A 87 16.46 -22.84 -2.96
C THR A 87 16.89 -21.40 -2.65
N GLY A 88 18.19 -21.18 -2.55
CA GLY A 88 18.76 -19.86 -2.31
C GLY A 88 18.35 -18.88 -3.39
N MET A 89 18.44 -19.30 -4.66
CA MET A 89 18.10 -18.43 -5.79
C MET A 89 16.62 -18.10 -5.85
N TRP A 90 15.77 -19.04 -5.46
CA TRP A 90 14.34 -18.78 -5.29
C TRP A 90 14.06 -17.74 -4.21
N ILE A 91 14.64 -17.93 -3.04
CA ILE A 91 14.48 -16.96 -1.94
C ILE A 91 15.03 -15.59 -2.34
N GLY A 92 16.22 -15.57 -2.97
CA GLY A 92 16.84 -14.30 -3.39
C GLY A 92 15.97 -13.53 -4.38
N TYR A 93 15.40 -14.28 -5.32
CA TYR A 93 14.53 -13.67 -6.32
C TYR A 93 13.31 -12.98 -5.62
N ASN A 94 12.72 -13.66 -4.65
CA ASN A 94 11.59 -13.07 -3.88
C ASN A 94 12.00 -11.84 -3.08
N GLU A 95 13.19 -11.89 -2.48
CA GLU A 95 13.73 -10.73 -1.73
C GLU A 95 13.88 -9.49 -2.64
N ARG A 96 14.40 -9.71 -3.85
CA ARG A 96 14.62 -8.65 -4.81
C ARG A 96 13.29 -8.06 -5.32
N VAL A 97 12.32 -8.94 -5.59
CA VAL A 97 10.96 -8.47 -5.98
C VAL A 97 10.41 -7.54 -4.90
N ILE A 98 10.47 -7.96 -3.64
CA ILE A 98 9.91 -7.15 -2.55
C ILE A 98 10.63 -5.80 -2.44
N ALA A 99 11.97 -5.81 -2.49
CA ALA A 99 12.77 -4.57 -2.45
C ALA A 99 12.43 -3.63 -3.61
N THR A 100 12.30 -4.19 -4.82
CA THR A 100 11.90 -3.41 -5.99
C THR A 100 10.51 -2.74 -5.79
N GLU A 101 9.54 -3.51 -5.33
CA GLU A 101 8.18 -2.99 -5.08
C GLU A 101 8.24 -1.86 -4.08
N GLN A 102 8.94 -2.10 -2.97
CA GLN A 102 8.92 -1.18 -1.85
C GLN A 102 9.75 0.06 -2.10
N LEU A 103 10.87 -0.11 -2.79
CA LEU A 103 11.88 0.95 -2.90
C LEU A 103 11.79 1.74 -4.19
N ILE A 104 11.18 1.13 -5.22
CA ILE A 104 11.19 1.69 -6.56
C ILE A 104 9.80 1.90 -7.16
N ALA A 105 9.00 0.83 -7.26
CA ALA A 105 7.70 0.86 -7.95
C ALA A 105 6.65 1.67 -7.14
N GLU A 106 6.40 1.26 -5.90
CA GLU A 106 5.41 1.94 -5.07
C GLU A 106 5.70 3.43 -4.81
N PRO A 107 6.96 3.82 -4.49
CA PRO A 107 7.23 5.26 -4.41
C PRO A 107 6.89 6.08 -5.66
N ALA A 108 7.07 5.52 -6.85
CA ALA A 108 6.64 6.20 -8.09
C ALA A 108 5.11 6.36 -8.15
N PHE A 109 4.40 5.26 -7.92
CA PHE A 109 2.92 5.31 -7.83
C PHE A 109 2.43 6.30 -6.77
N ASP A 110 3.10 6.30 -5.61
CA ASP A 110 2.74 7.23 -4.51
C ASP A 110 2.89 8.70 -4.91
N LEU A 111 3.92 9.02 -5.67
CA LEU A 111 4.13 10.39 -6.12
C LEU A 111 2.99 10.87 -7.01
N VAL A 112 2.55 9.99 -7.92
CA VAL A 112 1.40 10.27 -8.80
C VAL A 112 0.15 10.60 -7.95
N MET A 113 -0.11 9.79 -6.94
CA MET A 113 -1.29 9.96 -6.07
C MET A 113 -1.19 11.20 -5.19
N HIS A 114 0.04 11.59 -4.86
CA HIS A 114 0.26 12.81 -4.08
C HIS A 114 0.00 14.11 -4.83
N GLY A 115 -0.13 14.01 -6.15
CA GLY A 115 -0.54 15.14 -6.99
C GLY A 115 0.61 16.08 -7.34
N VAL A 116 1.84 15.57 -7.19
CA VAL A 116 3.06 16.34 -7.36
C VAL A 116 3.36 16.76 -8.82
N PHE A 117 2.76 16.05 -9.79
CA PHE A 117 2.94 16.36 -11.21
C PHE A 117 1.66 16.97 -11.81
N PRO A 118 1.81 17.95 -12.72
CA PRO A 118 0.60 18.52 -13.34
C PRO A 118 -0.18 17.46 -14.12
N GLY A 119 -1.49 17.42 -13.93
CA GLY A 119 -2.34 16.45 -14.61
C GLY A 119 -2.60 15.19 -13.81
N SER A 120 -1.85 15.00 -12.73
CA SER A 120 -2.03 13.80 -11.90
C SER A 120 -3.29 13.84 -11.03
N ASP A 121 -3.98 14.98 -10.99
CA ASP A 121 -5.25 15.06 -10.23
C ASP A 121 -6.48 14.52 -11.00
N ASP A 122 -6.24 13.89 -12.14
CA ASP A 122 -7.29 13.35 -12.99
C ASP A 122 -7.85 12.04 -12.38
N PRO A 123 -9.19 11.97 -12.21
CA PRO A 123 -9.84 10.80 -11.61
C PRO A 123 -9.44 9.45 -12.24
N LEU A 124 -9.27 9.39 -13.55
CA LEU A 124 -8.90 8.16 -14.22
C LEU A 124 -7.47 7.70 -13.92
N ILE A 125 -6.54 8.64 -13.98
CA ILE A 125 -5.16 8.36 -13.57
C ILE A 125 -5.16 7.89 -12.13
N ARG A 126 -5.85 8.61 -11.24
CA ARG A 126 -5.90 8.22 -9.84
C ARG A 126 -6.49 6.82 -9.59
N LYS A 127 -7.55 6.46 -10.31
CA LYS A 127 -8.12 5.12 -10.16
C LYS A 127 -7.15 4.05 -10.63
N SER A 128 -6.55 4.26 -11.79
CA SER A 128 -5.68 3.23 -12.35
C SER A 128 -4.46 3.01 -11.46
N VAL A 129 -3.90 4.09 -10.95
CA VAL A 129 -2.68 3.99 -10.14
C VAL A 129 -2.97 3.44 -8.72
N GLN A 130 -4.09 3.85 -8.12
CA GLN A 130 -4.46 3.31 -6.79
C GLN A 130 -4.74 1.82 -6.84
N GLN A 131 -5.42 1.37 -7.90
CA GLN A 131 -5.58 -0.07 -8.13
C GLN A 131 -4.21 -0.76 -8.21
N ALA A 132 -3.29 -0.20 -8.98
CA ALA A 132 -1.90 -0.71 -9.04
C ALA A 132 -1.23 -0.75 -7.68
N ILE A 133 -1.50 0.23 -6.83
CA ILE A 133 -0.93 0.25 -5.48
C ILE A 133 -1.48 -0.88 -4.61
N VAL A 134 -2.78 -1.18 -4.75
CA VAL A 134 -3.38 -2.32 -4.06
C VAL A 134 -2.69 -3.61 -4.57
N ASP A 135 -2.49 -3.70 -5.88
CA ASP A 135 -1.80 -4.87 -6.47
C ASP A 135 -0.39 -5.04 -5.88
N GLU A 136 0.40 -3.95 -5.84
CA GLU A 136 1.78 -4.06 -5.31
C GLU A 136 1.79 -4.50 -3.84
N SER A 137 0.83 -4.03 -3.04
CA SER A 137 0.69 -4.51 -1.65
C SER A 137 0.49 -6.01 -1.55
N PHE A 138 -0.33 -6.54 -2.43
CA PHE A 138 -0.61 -7.97 -2.47
C PHE A 138 0.58 -8.76 -3.02
N HIS A 139 1.25 -8.19 -4.03
CA HIS A 139 2.50 -8.80 -4.52
C HIS A 139 3.52 -8.98 -3.41
N THR A 140 3.73 -7.94 -2.64
CA THR A 140 4.60 -8.00 -1.49
C THR A 140 4.14 -9.11 -0.53
N TYR A 141 2.83 -9.16 -0.26
CA TYR A 141 2.24 -10.26 0.55
C TYR A 141 2.58 -11.66 0.01
N MET A 142 2.31 -11.90 -1.26
CA MET A 142 2.58 -13.21 -1.89
C MET A 142 4.05 -13.62 -1.79
N HIS A 143 4.96 -12.71 -2.16
CA HIS A 143 6.42 -12.98 -2.15
C HIS A 143 6.99 -13.15 -0.74
N MET A 144 6.42 -12.42 0.22
CA MET A 144 6.76 -12.56 1.62
C MET A 144 6.36 -13.95 2.14
N LEU A 145 5.13 -14.37 1.81
CA LEU A 145 4.67 -15.74 2.13
C LEU A 145 5.58 -16.78 1.52
N ALA A 146 5.96 -16.59 0.25
CA ALA A 146 6.86 -17.54 -0.44
C ALA A 146 8.19 -17.74 0.31
N ILE A 147 8.78 -16.65 0.79
CA ILE A 147 10.02 -16.69 1.56
C ILE A 147 9.82 -17.41 2.88
N ASP A 148 8.79 -17.02 3.61
CA ASP A 148 8.56 -17.59 4.93
C ASP A 148 8.26 -19.09 4.85
N ARG A 149 7.40 -19.49 3.92
CA ARG A 149 7.08 -20.91 3.75
C ARG A 149 8.30 -21.72 3.32
N THR A 150 9.10 -21.16 2.42
CA THR A 150 10.26 -21.87 1.91
C THR A 150 11.27 -22.08 3.03
N ARG A 151 11.51 -21.03 3.80
CA ARG A 151 12.50 -21.05 4.88
C ARG A 151 12.11 -22.04 5.97
N GLU A 152 10.83 -22.10 6.30
CA GLU A 152 10.35 -23.05 7.27
C GLU A 152 10.49 -24.49 6.77
N LEU A 153 9.96 -24.75 5.56
CA LEU A 153 9.90 -26.09 5.00
C LEU A 153 11.25 -26.67 4.56
N ARG A 154 12.16 -25.80 4.13
CA ARG A 154 13.52 -26.21 3.80
C ARG A 154 14.46 -26.18 5.02
N LYS A 155 13.93 -25.74 6.17
CA LYS A 155 14.69 -25.63 7.42
C LYS A 155 15.91 -24.72 7.28
N ILE A 156 15.68 -23.54 6.71
CA ILE A 156 16.71 -22.54 6.54
C ILE A 156 16.61 -21.60 7.72
N SER A 157 17.43 -21.88 8.73
CA SER A 157 17.40 -21.14 9.99
C SER A 157 17.90 -19.71 9.80
N GLU A 158 19.03 -19.57 9.12
CA GLU A 158 19.66 -18.27 8.95
C GLU A 158 20.29 -18.10 7.57
N ARG A 159 20.28 -16.86 7.09
CA ARG A 159 20.79 -16.54 5.77
C ARG A 159 21.26 -15.08 5.71
N PRO A 160 22.44 -14.83 5.12
CA PRO A 160 23.03 -13.48 4.96
C PRO A 160 22.05 -12.46 4.38
N PRO A 161 22.02 -11.24 4.94
CA PRO A 161 20.98 -10.26 4.62
C PRO A 161 21.36 -9.24 3.54
N GLN A 162 22.49 -9.49 2.87
CA GLN A 162 23.26 -8.39 2.25
C GLN A 162 22.68 -7.55 1.09
N PRO A 163 22.88 -8.00 -0.16
CA PRO A 163 23.22 -6.99 -1.17
C PRO A 163 22.08 -6.04 -1.57
N GLU A 164 22.34 -4.74 -1.46
CA GLU A 164 21.43 -3.70 -1.97
C GLU A 164 21.24 -3.89 -3.48
N LEU A 165 20.03 -3.63 -3.98
CA LEU A 165 19.77 -3.70 -5.41
C LEU A 165 20.67 -2.77 -6.21
N VAL A 166 21.29 -3.31 -7.25
CA VAL A 166 22.04 -2.48 -8.18
C VAL A 166 21.14 -1.36 -8.72
N THR A 167 19.86 -1.67 -8.95
CA THR A 167 18.93 -0.66 -9.47
C THR A 167 18.70 0.46 -8.47
N TYR A 168 18.56 0.12 -7.19
CA TYR A 168 18.33 1.10 -6.15
C TYR A 168 19.60 1.89 -5.82
N ARG A 169 20.75 1.22 -5.85
CA ARG A 169 22.04 1.91 -5.69
C ARG A 169 22.22 3.00 -6.74
N ARG A 170 21.86 2.68 -7.98
CA ARG A 170 21.96 3.66 -9.06
C ARG A 170 21.00 4.83 -8.79
N LEU A 171 19.76 4.54 -8.39
CA LEU A 171 18.77 5.58 -8.08
C LEU A 171 19.26 6.54 -6.99
N ARG A 172 19.73 5.97 -5.88
CA ARG A 172 20.13 6.80 -4.75
C ARG A 172 21.32 7.70 -5.05
N ARG A 173 22.17 7.22 -5.95
CA ARG A 173 23.36 7.98 -6.37
C ARG A 173 22.97 9.14 -7.29
N VAL A 174 21.98 8.91 -8.16
CA VAL A 174 21.44 9.97 -9.01
C VAL A 174 20.82 11.06 -8.14
N LEU A 175 20.05 10.66 -7.13
CA LEU A 175 19.30 11.59 -6.29
C LEU A 175 20.16 12.38 -5.28
N ALA A 176 21.32 11.81 -4.93
CA ALA A 176 22.14 12.26 -3.79
C ALA A 176 22.46 13.77 -3.76
N ASP A 177 22.89 14.31 -4.89
CA ASP A 177 23.32 15.71 -4.94
C ASP A 177 22.26 16.64 -5.54
N MET A 178 21.15 16.05 -6.01
CA MET A 178 20.09 16.81 -6.69
C MET A 178 19.39 17.86 -5.85
N PRO A 179 19.68 19.14 -6.12
CA PRO A 179 19.19 20.29 -5.37
C PRO A 179 17.67 20.35 -5.18
N GLU A 180 16.92 20.10 -6.25
CA GLU A 180 15.51 20.44 -6.29
C GLU A 180 14.60 19.23 -6.18
N GLN A 181 13.59 19.36 -5.33
CA GLN A 181 12.62 18.31 -5.14
C GLN A 181 11.91 18.00 -6.45
N TRP A 182 11.60 19.02 -7.24
CA TRP A 182 10.87 18.76 -8.51
C TRP A 182 11.62 17.77 -9.39
N GLU A 183 12.96 17.89 -9.42
CA GLU A 183 13.77 16.98 -10.24
C GLU A 183 13.94 15.59 -9.62
N ARG A 184 14.07 15.51 -8.30
CA ARG A 184 14.05 14.21 -7.62
C ARG A 184 12.74 13.45 -7.89
N ASP A 185 11.61 14.16 -7.89
CA ASP A 185 10.32 13.56 -8.20
C ASP A 185 10.29 12.95 -9.61
N ILE A 186 10.85 13.65 -10.59
CA ILE A 186 10.98 13.14 -11.95
C ILE A 186 11.79 11.83 -11.95
N ALA A 187 12.95 11.86 -11.28
CA ALA A 187 13.83 10.68 -11.22
C ALA A 187 13.14 9.46 -10.61
N VAL A 188 12.45 9.67 -9.49
CA VAL A 188 11.68 8.60 -8.82
C VAL A 188 10.59 8.04 -9.75
N LEU A 189 9.85 8.92 -10.42
CA LEU A 189 8.83 8.56 -11.42
C LEU A 189 9.42 7.71 -12.55
N VAL A 190 10.49 8.19 -13.18
CA VAL A 190 11.14 7.47 -14.27
C VAL A 190 11.70 6.10 -13.83
N TRP A 191 12.34 6.03 -12.67
CA TRP A 191 12.83 4.74 -12.15
C TRP A 191 11.68 3.74 -11.93
N GLY A 192 10.60 4.21 -11.32
CA GLY A 192 9.42 3.36 -11.17
C GLY A 192 8.77 2.95 -12.49
N ALA A 193 8.71 3.89 -13.43
CA ALA A 193 8.13 3.61 -14.75
C ALA A 193 8.93 2.53 -15.48
N VAL A 194 10.26 2.65 -15.45
CA VAL A 194 11.11 1.67 -16.10
C VAL A 194 10.97 0.28 -15.44
N ALA A 195 10.99 0.24 -14.12
CA ALA A 195 10.75 -0.99 -13.35
C ALA A 195 9.45 -1.70 -13.77
N GLU A 196 8.41 -0.92 -14.04
CA GLU A 196 7.07 -1.46 -14.28
C GLU A 196 6.80 -1.82 -15.74
N THR A 197 7.63 -1.30 -16.64
CA THR A 197 7.51 -1.59 -18.06
C THR A 197 8.60 -2.53 -18.61
N CYS A 198 9.58 -2.90 -17.78
CA CYS A 198 10.67 -3.80 -18.20
C CYS A 198 10.65 -5.09 -17.40
N ILE A 199 10.00 -6.11 -17.95
CA ILE A 199 9.63 -7.32 -17.21
C ILE A 199 10.84 -8.23 -16.99
N ASN A 200 11.11 -8.54 -15.73
CA ASN A 200 12.18 -9.46 -15.34
C ASN A 200 12.00 -10.80 -16.04
N ALA A 201 13.06 -11.29 -16.65
CA ALA A 201 13.03 -12.59 -17.32
C ALA A 201 12.64 -13.70 -16.35
N LEU A 202 13.07 -13.60 -15.09
CA LEU A 202 12.78 -14.62 -14.07
C LEU A 202 11.29 -14.68 -13.77
N LEU A 203 10.62 -13.53 -13.77
CA LEU A 203 9.15 -13.51 -13.55
C LEU A 203 8.43 -14.40 -14.58
N ALA A 204 8.72 -14.17 -15.85
CA ALA A 204 8.07 -14.88 -16.94
C ALA A 204 8.54 -16.32 -17.03
N LEU A 205 9.83 -16.56 -16.78
CA LEU A 205 10.33 -17.93 -16.90
C LEU A 205 9.86 -18.81 -15.77
N LEU A 206 9.83 -18.25 -14.55
CA LEU A 206 9.30 -18.98 -13.40
C LEU A 206 7.81 -19.28 -13.54
N ALA A 207 7.07 -18.30 -14.08
CA ALA A 207 5.61 -18.39 -14.25
C ALA A 207 5.20 -19.64 -15.03
N ARG A 208 5.93 -19.92 -16.11
CA ARG A 208 5.59 -21.01 -17.01
C ARG A 208 6.16 -22.38 -16.61
N ASP A 209 6.97 -22.43 -15.55
CA ASP A 209 7.79 -23.64 -15.29
C ASP A 209 7.03 -24.75 -14.56
N ALA A 210 6.98 -25.93 -15.16
CA ALA A 210 6.21 -27.04 -14.59
C ALA A 210 7.08 -27.97 -13.73
N THR A 211 8.37 -27.68 -13.66
CA THR A 211 9.30 -28.57 -12.92
C THR A 211 9.41 -28.22 -11.46
N ILE A 212 8.96 -27.02 -11.07
CA ILE A 212 9.18 -26.51 -9.72
C ILE A 212 7.91 -26.57 -8.85
N GLN A 213 8.05 -26.27 -7.57
CA GLN A 213 6.88 -26.15 -6.68
C GLN A 213 5.76 -25.38 -7.38
N PRO A 214 4.54 -25.96 -7.43
CA PRO A 214 3.42 -25.31 -8.12
C PRO A 214 3.04 -23.95 -7.54
N MET A 215 3.25 -23.74 -6.25
CA MET A 215 2.99 -22.42 -5.67
C MET A 215 3.97 -21.34 -6.17
N HIS A 216 5.16 -21.77 -6.60
CA HIS A 216 6.20 -20.84 -7.12
C HIS A 216 5.86 -20.33 -8.52
N SER A 217 5.53 -21.25 -9.43
CA SER A 217 5.00 -20.86 -10.75
C SER A 217 3.62 -20.14 -10.65
N LEU A 218 2.80 -20.48 -9.64
CA LEU A 218 1.50 -19.80 -9.47
C LEU A 218 1.68 -18.34 -9.04
N ILE A 219 2.46 -18.12 -7.98
CA ILE A 219 2.69 -16.74 -7.53
C ILE A 219 3.27 -15.88 -8.65
N THR A 220 4.22 -16.43 -9.39
CA THR A 220 4.80 -15.64 -10.49
C THR A 220 3.83 -15.44 -11.68
N THR A 221 3.00 -16.43 -11.95
CA THR A 221 1.92 -16.32 -12.96
C THR A 221 0.96 -15.14 -12.61
N LEU A 222 0.51 -15.12 -11.36
CA LEU A 222 -0.36 -14.06 -10.84
C LEU A 222 0.25 -12.66 -10.96
N HIS A 223 1.51 -12.54 -10.53
CA HIS A 223 2.24 -11.28 -10.56
C HIS A 223 2.39 -10.80 -12.02
N LEU A 224 2.77 -11.74 -12.91
CA LEU A 224 2.94 -11.42 -14.32
C LEU A 224 1.63 -10.90 -14.96
N ARG A 225 0.50 -11.52 -14.62
CA ARG A 225 -0.79 -11.07 -15.16
C ARG A 225 -1.02 -9.59 -14.75
N ASP A 226 -0.74 -9.27 -13.49
CA ASP A 226 -0.93 -7.90 -12.99
C ASP A 226 0.08 -6.94 -13.62
N GLU A 227 1.34 -7.38 -13.72
CA GLU A 227 2.42 -6.55 -14.25
C GLU A 227 2.19 -6.18 -15.70
N THR A 228 1.60 -7.09 -16.48
CA THR A 228 1.30 -6.79 -17.88
C THR A 228 0.35 -5.57 -17.92
N ALA A 229 -0.65 -5.56 -17.04
CA ALA A 229 -1.55 -4.39 -16.92
C ALA A 229 -0.78 -3.16 -16.40
N HIS A 230 0.07 -3.34 -15.41
CA HIS A 230 0.81 -2.20 -14.88
C HIS A 230 1.63 -1.48 -15.93
N GLY A 231 2.29 -2.24 -16.81
CA GLY A 231 3.05 -1.66 -17.93
C GLY A 231 2.22 -0.79 -18.86
N SER A 232 1.03 -1.26 -19.22
CA SER A 232 0.09 -0.45 -20.03
C SER A 232 -0.37 0.82 -19.29
N ILE A 233 -0.68 0.69 -18.00
CA ILE A 233 -1.04 1.84 -17.16
C ILE A 233 0.06 2.90 -17.12
N VAL A 234 1.29 2.47 -16.88
CA VAL A 234 2.43 3.38 -16.81
C VAL A 234 2.67 4.12 -18.15
N VAL A 235 2.59 3.42 -19.27
CA VAL A 235 2.68 4.05 -20.59
C VAL A 235 1.62 5.18 -20.74
N GLU A 236 0.36 4.89 -20.42
CA GLU A 236 -0.67 5.94 -20.45
C GLU A 236 -0.43 7.11 -19.49
N VAL A 237 -0.08 6.81 -18.24
CA VAL A 237 0.07 7.83 -17.21
C VAL A 237 1.28 8.70 -17.51
N VAL A 238 2.41 8.08 -17.85
CA VAL A 238 3.60 8.83 -18.19
C VAL A 238 3.36 9.76 -19.40
N ARG A 239 2.67 9.28 -20.44
CA ARG A 239 2.34 10.16 -21.57
C ARG A 239 1.53 11.37 -21.13
N GLU A 240 0.48 11.14 -20.35
CA GLU A 240 -0.39 12.23 -19.91
C GLU A 240 0.35 13.26 -19.05
N LEU A 241 1.25 12.79 -18.17
CA LEU A 241 1.98 13.71 -17.30
C LEU A 241 3.07 14.49 -18.05
N TYR A 242 3.84 13.80 -18.90
CA TYR A 242 4.87 14.47 -19.73
C TYR A 242 4.24 15.58 -20.55
N ALA A 243 3.04 15.33 -21.09
CA ALA A 243 2.31 16.32 -21.90
C ALA A 243 2.03 17.61 -21.14
N ARG A 244 1.78 17.49 -19.84
CA ARG A 244 1.46 18.63 -18.98
C ARG A 244 2.68 19.29 -18.31
N MET A 245 3.81 18.58 -18.30
CA MET A 245 5.06 19.10 -17.73
C MET A 245 5.56 20.34 -18.47
N ASN A 246 6.29 21.21 -17.78
CA ASN A 246 6.96 22.31 -18.47
C ASN A 246 8.29 21.85 -19.07
N GLU A 247 8.95 22.72 -19.85
CA GLU A 247 10.14 22.30 -20.59
C GLU A 247 11.24 21.70 -19.72
N GLN A 248 11.53 22.31 -18.57
CA GLN A 248 12.61 21.77 -17.73
C GLN A 248 12.24 20.44 -17.05
N GLN A 249 10.96 20.26 -16.76
CA GLN A 249 10.47 18.96 -16.29
C GLN A 249 10.60 17.91 -17.41
N ARG A 250 10.16 18.27 -18.62
CA ARG A 250 10.28 17.40 -19.80
C ARG A 250 11.75 17.06 -20.08
N ARG A 251 12.60 18.08 -20.09
CA ARG A 251 14.05 17.89 -20.27
C ARG A 251 14.60 16.92 -19.22
N ALA A 252 14.22 17.11 -17.96
CA ALA A 252 14.71 16.24 -16.89
C ALA A 252 14.28 14.79 -17.13
N LEU A 253 13.01 14.58 -17.47
CA LEU A 253 12.50 13.22 -17.72
C LEU A 253 13.35 12.55 -18.82
N VAL A 254 13.58 13.29 -19.90
CA VAL A 254 14.35 12.77 -21.03
C VAL A 254 15.78 12.35 -20.65
N ARG A 255 16.47 13.18 -19.87
CA ARG A 255 17.84 12.86 -19.43
C ARG A 255 17.87 11.59 -18.57
N CYS A 256 16.88 11.46 -17.71
CA CYS A 256 16.86 10.38 -16.73
C CYS A 256 16.53 9.02 -17.34
N LEU A 257 15.74 9.01 -18.42
CA LEU A 257 15.33 7.75 -19.05
C LEU A 257 16.51 6.80 -19.35
N PRO A 258 17.50 7.24 -20.16
CA PRO A 258 18.61 6.32 -20.48
C PRO A 258 19.38 5.85 -19.25
N ILE A 259 19.48 6.70 -18.24
CA ILE A 259 20.15 6.35 -16.99
C ILE A 259 19.39 5.25 -16.24
N ALA A 260 18.07 5.37 -16.13
CA ALA A 260 17.24 4.32 -15.54
C ALA A 260 17.28 3.02 -16.38
N LEU A 261 17.22 3.16 -17.70
CA LEU A 261 17.24 2.01 -18.59
C LEU A 261 18.54 1.22 -18.43
N GLU A 262 19.67 1.91 -18.37
CA GLU A 262 20.96 1.27 -18.17
C GLU A 262 21.09 0.58 -16.80
N ALA A 263 20.53 1.20 -15.76
CA ALA A 263 20.47 0.56 -14.43
C ALA A 263 19.70 -0.78 -14.44
N PHE A 264 18.57 -0.81 -15.15
CA PHE A 264 17.82 -2.06 -15.28
C PHE A 264 18.44 -3.08 -16.27
N ALA A 265 19.31 -2.62 -17.17
CA ALA A 265 20.04 -3.53 -18.08
C ALA A 265 21.27 -4.15 -17.40
N GLU A 266 21.65 -3.58 -16.26
CA GLU A 266 22.89 -3.94 -15.59
C GLU A 266 22.76 -5.30 -14.90
N GLN A 267 23.60 -6.25 -15.26
CA GLN A 267 23.63 -7.51 -14.52
C GLN A 267 24.69 -7.40 -13.45
N ASP A 268 24.28 -7.61 -12.21
CA ASP A 268 25.19 -7.63 -11.07
C ASP A 268 25.03 -8.99 -10.41
N LEU A 269 26.04 -9.84 -10.56
CA LEU A 269 25.97 -11.21 -10.07
C LEU A 269 26.70 -11.41 -8.75
N SER A 270 26.56 -10.41 -7.88
CA SER A 270 27.03 -10.46 -6.51
C SER A 270 26.17 -11.40 -5.66
N ALA A 271 24.90 -11.51 -6.02
CA ALA A 271 23.95 -12.41 -5.35
C ALA A 271 24.23 -13.88 -5.65
N LEU A 272 24.65 -14.17 -6.88
CA LEU A 272 24.99 -15.53 -7.27
C LEU A 272 26.19 -16.02 -6.49
N LEU A 273 27.19 -15.15 -6.34
CA LEU A 273 28.38 -15.47 -5.59
C LEU A 273 28.05 -15.86 -4.15
N LEU A 274 27.23 -15.04 -3.49
CA LEU A 274 26.82 -15.28 -2.11
C LEU A 274 26.07 -16.61 -1.97
N GLU A 275 25.19 -16.90 -2.92
CA GLU A 275 24.43 -18.15 -2.87
C GLU A 275 25.33 -19.36 -2.98
N LEU A 276 26.25 -19.30 -3.94
CA LEU A 276 27.18 -20.39 -4.21
C LEU A 276 28.09 -20.64 -3.02
N ASN A 277 28.66 -19.56 -2.47
CA ASN A 277 29.47 -19.64 -1.27
C ASN A 277 28.66 -20.17 -0.09
N ALA A 278 27.41 -19.73 0.02
CA ALA A 278 26.52 -20.21 1.08
C ALA A 278 26.38 -21.74 1.01
N ALA A 279 26.07 -22.26 -0.17
CA ALA A 279 25.91 -23.70 -0.39
C ALA A 279 27.20 -24.51 -0.23
N GLY A 280 28.33 -23.82 -0.15
CA GLY A 280 29.62 -24.46 0.05
C GLY A 280 30.22 -25.03 -1.21
N ILE A 281 29.79 -24.51 -2.37
CA ILE A 281 30.30 -24.93 -3.66
C ILE A 281 31.75 -24.41 -3.84
N ARG A 282 32.68 -25.34 -4.06
CA ARG A 282 34.09 -24.99 -4.32
C ARG A 282 34.26 -24.35 -5.69
N GLY A 283 35.00 -23.24 -5.72
CA GLY A 283 35.23 -22.51 -6.96
C GLY A 283 34.12 -21.52 -7.29
N ALA A 284 33.43 -21.03 -6.26
CA ALA A 284 32.32 -20.09 -6.46
C ALA A 284 32.76 -18.82 -7.21
N GLU A 285 33.87 -18.24 -6.76
CA GLU A 285 34.45 -17.07 -7.40
C GLU A 285 34.82 -17.38 -8.85
N GLU A 286 35.38 -18.56 -9.08
CA GLU A 286 35.67 -19.04 -10.44
C GLU A 286 34.43 -19.18 -11.32
N ILE A 287 33.36 -19.76 -10.77
CA ILE A 287 32.11 -19.95 -11.50
C ILE A 287 31.47 -18.60 -11.85
N VAL A 288 31.48 -17.68 -10.87
CA VAL A 288 30.92 -16.34 -11.04
C VAL A 288 31.81 -15.50 -11.97
N GLY A 289 33.12 -15.52 -11.73
CA GLY A 289 34.06 -14.79 -12.57
C GLY A 289 34.04 -15.33 -13.98
N ASP A 290 33.47 -16.53 -14.15
CA ASP A 290 33.39 -17.20 -15.43
C ASP A 290 32.25 -16.64 -16.27
N LEU A 291 31.13 -16.34 -15.63
CA LEU A 291 29.98 -15.82 -16.33
C LEU A 291 30.25 -14.42 -16.90
N ARG A 299 17.95 -16.26 -23.07
CA ARG A 299 18.55 -15.15 -22.35
C ARG A 299 17.84 -14.86 -21.04
N LEU A 300 18.56 -14.26 -20.10
CA LEU A 300 17.96 -13.72 -18.90
C LEU A 300 17.87 -12.19 -18.95
N VAL A 301 17.86 -11.63 -20.17
CA VAL A 301 17.61 -10.19 -20.34
C VAL A 301 16.14 -9.87 -20.06
N ARG A 302 15.88 -8.73 -19.44
CA ARG A 302 14.53 -8.20 -19.28
C ARG A 302 13.85 -8.00 -20.62
N ASP A 303 12.54 -8.03 -20.60
CA ASP A 303 11.80 -7.64 -21.80
C ASP A 303 11.60 -6.14 -21.73
N PHE A 304 12.30 -5.41 -22.60
CA PHE A 304 12.24 -3.94 -22.62
C PHE A 304 11.16 -3.41 -23.57
N SER A 305 10.28 -4.29 -24.03
CA SER A 305 9.22 -3.93 -24.99
C SER A 305 8.34 -2.77 -24.50
N GLY A 306 7.92 -2.88 -23.23
CA GLY A 306 7.04 -1.91 -22.59
C GLY A 306 7.65 -0.52 -22.54
N ALA A 307 8.91 -0.46 -22.12
CA ALA A 307 9.62 0.81 -22.03
C ALA A 307 9.87 1.40 -23.42
N ARG A 308 10.04 0.54 -24.43
CA ARG A 308 10.15 1.01 -25.80
C ARG A 308 8.84 1.66 -26.28
N LYS A 309 7.71 1.02 -25.96
CA LYS A 309 6.39 1.60 -26.22
C LYS A 309 6.23 2.93 -25.47
N MET A 310 6.75 2.98 -24.24
CA MET A 310 6.69 4.22 -23.45
C MET A 310 7.43 5.36 -24.14
N VAL A 311 8.64 5.06 -24.63
CA VAL A 311 9.47 6.01 -25.34
C VAL A 311 8.77 6.50 -26.62
N GLU A 312 8.14 5.58 -27.35
CA GLU A 312 7.37 5.86 -28.56
C GLU A 312 6.21 6.81 -28.25
N GLN A 313 5.41 6.47 -27.24
CA GLN A 313 4.29 7.32 -26.82
C GLN A 313 4.71 8.73 -26.35
N LEU A 314 5.97 8.90 -25.95
CA LEU A 314 6.46 10.22 -25.55
C LEU A 314 7.06 10.97 -26.74
N GLY A 315 7.10 10.31 -27.90
CA GLY A 315 7.74 10.87 -29.09
C GLY A 315 9.24 11.03 -28.94
N LEU A 316 9.86 10.13 -28.19
CA LEU A 316 11.28 10.24 -27.84
C LEU A 316 12.15 9.19 -28.55
N ASP A 317 11.58 8.59 -29.60
CA ASP A 317 12.21 7.49 -30.34
C ASP A 317 13.69 7.71 -30.66
N ASP A 318 14.01 8.90 -31.15
CA ASP A 318 15.39 9.24 -31.53
C ASP A 318 16.16 9.96 -30.40
N ALA A 319 15.45 10.34 -29.34
CA ALA A 319 16.04 11.19 -28.30
C ALA A 319 16.66 10.44 -27.11
N VAL A 320 16.47 9.13 -27.05
CA VAL A 320 16.99 8.32 -25.94
C VAL A 320 18.22 7.50 -26.34
N ASP A 321 19.31 7.73 -25.63
CA ASP A 321 20.58 7.02 -25.88
C ASP A 321 20.60 5.69 -25.14
N PHE A 322 19.90 4.70 -25.71
CA PHE A 322 19.85 3.36 -25.17
C PHE A 322 19.61 2.35 -26.29
N ASP A 323 20.43 1.31 -26.32
CA ASP A 323 20.27 0.22 -27.29
C ASP A 323 19.33 -0.82 -26.72
N PHE A 324 18.08 -0.81 -27.20
CA PHE A 324 17.06 -1.74 -26.72
C PHE A 324 17.35 -3.17 -27.22
N PRO A 325 17.42 -4.14 -26.28
CA PRO A 325 17.61 -5.55 -26.63
C PRO A 325 16.38 -6.08 -27.34
N GLU A 326 16.57 -7.11 -28.17
CA GLU A 326 15.45 -7.72 -28.90
C GLU A 326 14.40 -8.27 -27.94
N ARG A 327 13.14 -8.28 -28.37
CA ARG A 327 12.09 -8.78 -27.50
C ARG A 327 12.19 -10.31 -27.37
N PRO A 328 12.18 -10.81 -26.11
CA PRO A 328 12.32 -12.24 -25.82
C PRO A 328 11.15 -13.04 -26.38
N ASP A 329 11.42 -14.30 -26.73
CA ASP A 329 10.38 -15.24 -27.17
C ASP A 329 9.21 -15.33 -26.19
N TRP A 330 9.54 -15.34 -24.90
CA TRP A 330 8.54 -15.55 -23.85
C TRP A 330 7.62 -14.35 -23.58
N SER A 331 7.82 -13.25 -24.31
CA SER A 331 7.09 -12.02 -24.01
C SER A 331 5.79 -11.91 -24.83
N GLY B 24 2.41 -19.07 18.82
CA GLY B 24 1.83 -17.88 18.10
C GLY B 24 0.38 -17.57 18.48
N SER B 25 0.05 -16.28 18.49
CA SER B 25 -1.31 -15.82 18.82
C SER B 25 -2.41 -16.55 18.03
N ALA B 26 -3.34 -17.17 18.76
CA ALA B 26 -4.48 -17.84 18.13
C ALA B 26 -5.43 -16.86 17.41
N THR B 27 -5.53 -15.63 17.91
CA THR B 27 -6.31 -14.56 17.28
C THR B 27 -5.73 -14.22 15.92
N LEU B 28 -4.44 -13.88 15.93
CA LEU B 28 -3.71 -13.59 14.69
C LEU B 28 -3.87 -14.74 13.68
N GLY B 29 -3.61 -15.98 14.10
CA GLY B 29 -3.82 -17.14 13.24
C GLY B 29 -5.18 -17.19 12.57
N ARG B 30 -6.25 -17.05 13.36
CA ARG B 30 -7.62 -17.12 12.87
C ARG B 30 -7.92 -15.99 11.86
N LEU B 31 -7.51 -14.78 12.19
CA LEU B 31 -7.73 -13.61 11.32
C LEU B 31 -6.96 -13.68 10.00
N VAL B 32 -5.77 -14.27 10.03
CA VAL B 32 -4.97 -14.46 8.83
C VAL B 32 -5.63 -15.45 7.85
N ARG B 33 -6.12 -16.57 8.38
CA ARG B 33 -6.76 -17.60 7.58
C ARG B 33 -8.15 -17.19 7.07
N ALA B 34 -8.82 -16.30 7.82
CA ALA B 34 -10.13 -15.79 7.44
C ALA B 34 -10.08 -14.60 6.45
N TRP B 35 -8.92 -13.96 6.34
CA TRP B 35 -8.79 -12.75 5.50
C TRP B 35 -9.40 -12.86 4.08
N PRO B 36 -9.10 -13.95 3.32
CA PRO B 36 -9.74 -14.09 1.99
C PRO B 36 -11.27 -14.06 1.99
N ARG B 37 -11.91 -14.57 3.05
CA ARG B 37 -13.36 -14.54 3.16
C ARG B 37 -13.89 -13.19 3.68
N ARG B 38 -13.04 -12.47 4.39
CA ARG B 38 -13.48 -11.27 5.09
C ARG B 38 -13.26 -9.98 4.32
N ALA B 39 -12.09 -9.91 3.67
CA ALA B 39 -11.56 -8.68 3.07
C ALA B 39 -12.50 -8.02 2.05
N ALA B 40 -12.69 -6.71 2.21
CA ALA B 40 -13.47 -5.91 1.27
C ALA B 40 -12.87 -6.02 -0.12
N VAL B 41 -11.55 -5.96 -0.21
CA VAL B 41 -10.85 -6.03 -1.50
C VAL B 41 -11.23 -7.29 -2.30
N VAL B 42 -11.38 -8.41 -1.61
CA VAL B 42 -11.75 -9.67 -2.27
C VAL B 42 -13.24 -9.67 -2.58
N ASN B 43 -14.02 -9.14 -1.64
CA ASN B 43 -15.47 -9.28 -1.69
C ASN B 43 -16.18 -8.29 -2.61
N LYS B 44 -15.62 -7.09 -2.73
CA LYS B 44 -16.29 -6.07 -3.52
C LYS B 44 -15.32 -5.20 -4.29
N ALA B 45 -14.39 -5.85 -4.99
CA ALA B 45 -13.42 -5.14 -5.81
C ALA B 45 -14.09 -4.27 -6.87
N ASP B 46 -15.26 -4.70 -7.36
CA ASP B 46 -16.00 -3.93 -8.35
C ASP B 46 -16.95 -2.88 -7.74
N ILE B 47 -16.56 -2.31 -6.59
CA ILE B 47 -17.33 -1.25 -5.92
C ILE B 47 -17.68 -0.10 -6.88
N LEU B 48 -16.79 0.19 -7.83
CA LEU B 48 -17.07 1.27 -8.81
C LEU B 48 -18.42 1.09 -9.52
N ASP B 49 -18.79 -0.15 -9.83
CA ASP B 49 -20.02 -0.45 -10.57
C ASP B 49 -21.31 -0.30 -9.75
N GLU B 50 -21.16 -0.01 -8.45
CA GLU B 50 -22.32 0.15 -7.56
C GLU B 50 -23.10 1.44 -7.82
N TRP B 51 -22.48 2.35 -8.58
CA TRP B 51 -23.13 3.58 -9.02
C TRP B 51 -24.06 3.40 -10.23
N ALA B 52 -24.12 2.19 -10.77
CA ALA B 52 -24.91 1.85 -11.97
C ALA B 52 -26.28 2.57 -12.13
N ASP B 53 -27.34 2.00 -11.57
CA ASP B 53 -28.69 2.56 -11.72
C ASP B 53 -28.91 3.66 -10.68
N TYR B 54 -28.10 4.71 -10.77
CA TYR B 54 -28.01 5.79 -9.77
C TYR B 54 -29.28 6.61 -9.64
N ASP B 55 -29.72 6.81 -8.39
CA ASP B 55 -30.96 7.55 -8.08
C ASP B 55 -30.61 8.83 -7.32
N THR B 56 -30.70 9.96 -8.01
CA THR B 56 -30.34 11.27 -7.45
C THR B 56 -31.20 11.70 -6.25
N LEU B 57 -32.40 11.14 -6.12
CA LEU B 57 -33.34 11.47 -5.03
C LEU B 57 -32.90 11.02 -3.62
N VAL B 58 -32.04 10.01 -3.55
CA VAL B 58 -31.58 9.45 -2.28
C VAL B 58 -30.44 10.31 -1.72
N PRO B 59 -30.56 10.77 -0.45
CA PRO B 59 -29.54 11.61 0.19
C PRO B 59 -28.17 10.93 0.29
N ASP B 60 -27.13 11.75 0.37
CA ASP B 60 -25.76 11.24 0.51
C ASP B 60 -25.39 10.88 1.95
N TYR B 61 -26.10 11.47 2.90
CA TYR B 61 -25.66 11.50 4.29
C TYR B 61 -26.92 11.62 5.14
N PRO B 62 -26.94 11.01 6.36
CA PRO B 62 -28.16 11.09 7.15
C PRO B 62 -28.25 12.33 8.01
N LEU B 63 -29.25 13.16 7.73
CA LEU B 63 -29.60 14.27 8.60
C LEU B 63 -29.58 13.87 10.08
N GLU B 64 -30.04 12.65 10.40
CA GLU B 64 -30.20 12.17 11.77
C GLU B 64 -28.90 12.27 12.58
N ILE B 65 -27.75 12.15 11.92
CA ILE B 65 -26.46 12.17 12.61
C ILE B 65 -25.68 13.48 12.36
N VAL B 66 -26.37 14.48 11.83
CA VAL B 66 -25.81 15.82 11.62
C VAL B 66 -26.08 16.64 12.87
N PRO B 67 -25.02 17.08 13.55
CA PRO B 67 -25.13 17.71 14.88
C PRO B 67 -25.91 19.04 14.95
N PHE B 68 -26.07 19.70 13.81
CA PHE B 68 -26.76 20.98 13.75
C PHE B 68 -28.04 20.87 12.94
N ALA B 69 -28.47 19.64 12.66
CA ALA B 69 -29.66 19.36 11.83
C ALA B 69 -30.92 20.07 12.31
N GLU B 70 -31.04 20.23 13.63
CA GLU B 70 -32.22 20.83 14.22
C GLU B 70 -31.97 22.29 14.65
N HIS B 71 -30.85 22.87 14.21
CA HIS B 71 -30.56 24.27 14.55
C HIS B 71 -31.44 25.21 13.73
N PRO B 72 -32.11 26.18 14.38
CA PRO B 72 -32.98 27.14 13.70
C PRO B 72 -32.36 27.77 12.44
N LEU B 73 -31.06 28.07 12.48
CA LEU B 73 -30.40 28.73 11.34
C LEU B 73 -30.13 27.75 10.22
N PHE B 74 -29.99 26.48 10.55
CA PHE B 74 -29.88 25.44 9.54
C PHE B 74 -31.25 25.21 8.89
N LEU B 75 -32.27 25.07 9.73
CA LEU B 75 -33.64 24.89 9.29
C LEU B 75 -34.19 26.08 8.51
N ALA B 76 -33.67 27.28 8.77
CA ALA B 76 -34.10 28.51 8.07
C ALA B 76 -33.47 28.67 6.67
N ALA B 77 -32.65 27.71 6.26
CA ALA B 77 -32.03 27.73 4.92
C ALA B 77 -32.89 26.97 3.90
N GLU B 78 -32.66 27.25 2.62
CA GLU B 78 -33.41 26.64 1.54
C GLU B 78 -33.12 25.14 1.40
N PRO B 79 -34.10 24.35 0.91
CA PRO B 79 -33.95 22.89 0.70
C PRO B 79 -32.70 22.42 -0.04
N HIS B 80 -32.27 23.17 -1.05
CA HIS B 80 -31.05 22.86 -1.80
C HIS B 80 -29.80 23.13 -0.97
N GLN B 81 -29.83 24.20 -0.16
CA GLN B 81 -28.72 24.53 0.74
C GLN B 81 -28.47 23.41 1.77
N ARG B 82 -29.55 22.87 2.33
CA ARG B 82 -29.43 21.82 3.36
C ARG B 82 -28.95 20.51 2.75
N GLN B 83 -29.42 20.20 1.54
CA GLN B 83 -28.98 19.00 0.82
C GLN B 83 -27.52 19.11 0.38
N ARG B 84 -27.05 20.34 0.10
CA ARG B 84 -25.64 20.53 -0.24
C ARG B 84 -24.67 20.33 0.93
N VAL B 85 -25.07 20.79 2.12
CA VAL B 85 -24.37 20.52 3.36
C VAL B 85 -24.19 19.00 3.56
N LEU B 86 -25.28 18.25 3.44
CA LEU B 86 -25.23 16.78 3.58
C LEU B 86 -24.23 16.17 2.59
N THR B 87 -24.29 16.61 1.33
CA THR B 87 -23.30 16.17 0.33
C THR B 87 -21.88 16.52 0.78
N GLY B 88 -21.67 17.76 1.24
CA GLY B 88 -20.37 18.21 1.72
C GLY B 88 -19.83 17.40 2.90
N MET B 89 -20.71 17.08 3.84
CA MET B 89 -20.28 16.30 4.98
C MET B 89 -19.90 14.87 4.60
N TRP B 90 -20.59 14.30 3.62
CA TRP B 90 -20.24 12.97 3.13
C TRP B 90 -18.87 13.03 2.48
N ILE B 91 -18.63 14.03 1.65
CA ILE B 91 -17.32 14.17 0.97
C ILE B 91 -16.22 14.45 2.00
N GLY B 92 -16.53 15.32 2.96
CA GLY B 92 -15.61 15.63 4.06
C GLY B 92 -15.24 14.42 4.89
N TYR B 93 -16.24 13.57 5.19
CA TYR B 93 -16.00 12.32 5.88
C TYR B 93 -14.96 11.47 5.14
N ASN B 94 -15.20 11.27 3.85
CA ASN B 94 -14.29 10.47 3.02
C ASN B 94 -12.89 11.06 2.93
N GLU B 95 -12.79 12.38 2.79
CA GLU B 95 -11.49 13.08 2.77
C GLU B 95 -10.69 12.79 4.04
N ARG B 96 -11.37 12.81 5.19
CA ARG B 96 -10.71 12.59 6.47
C ARG B 96 -10.28 11.13 6.65
N VAL B 97 -11.10 10.19 6.15
CA VAL B 97 -10.74 8.76 6.16
C VAL B 97 -9.44 8.51 5.40
N ILE B 98 -9.37 9.03 4.17
CA ILE B 98 -8.16 8.91 3.33
C ILE B 98 -6.92 9.51 4.04
N ALA B 99 -7.07 10.73 4.54
CA ALA B 99 -5.97 11.39 5.27
C ALA B 99 -5.51 10.59 6.50
N THR B 100 -6.45 10.04 7.27
CA THR B 100 -6.11 9.19 8.42
C THR B 100 -5.33 7.93 8.00
N GLU B 101 -5.81 7.25 6.95
CA GLU B 101 -5.11 6.07 6.45
C GLU B 101 -3.71 6.38 5.94
N GLN B 102 -3.59 7.43 5.12
CA GLN B 102 -2.32 7.80 4.52
C GLN B 102 -1.30 8.38 5.49
N LEU B 103 -1.76 9.21 6.42
CA LEU B 103 -0.87 9.97 7.28
C LEU B 103 -0.66 9.31 8.65
N ILE B 104 -1.56 8.41 9.03
CA ILE B 104 -1.55 7.86 10.38
C ILE B 104 -1.49 6.33 10.46
N ALA B 105 -2.46 5.64 9.86
CA ALA B 105 -2.55 4.17 9.96
C ALA B 105 -1.46 3.43 9.17
N GLU B 106 -1.34 3.71 7.87
CA GLU B 106 -0.32 3.06 7.02
C GLU B 106 1.13 3.26 7.49
N PRO B 107 1.51 4.50 7.92
CA PRO B 107 2.85 4.64 8.47
C PRO B 107 3.18 3.71 9.64
N ALA B 108 2.23 3.51 10.55
CA ALA B 108 2.40 2.59 11.69
C ALA B 108 2.61 1.15 11.22
N PHE B 109 1.71 0.70 10.35
CA PHE B 109 1.85 -0.63 9.75
C PHE B 109 3.18 -0.80 9.01
N ASP B 110 3.57 0.20 8.20
CA ASP B 110 4.84 0.13 7.45
C ASP B 110 6.02 0.03 8.41
N LEU B 111 5.98 0.80 9.50
CA LEU B 111 7.03 0.76 10.52
C LEU B 111 7.24 -0.64 11.06
N VAL B 112 6.14 -1.35 11.31
CA VAL B 112 6.17 -2.75 11.75
C VAL B 112 6.81 -3.67 10.71
N MET B 113 6.40 -3.51 9.43
CA MET B 113 6.97 -4.32 8.34
C MET B 113 8.43 -3.98 8.04
N HIS B 114 8.83 -2.75 8.39
CA HIS B 114 10.21 -2.30 8.24
C HIS B 114 11.16 -3.00 9.21
N GLY B 115 10.59 -3.67 10.20
CA GLY B 115 11.36 -4.43 11.18
C GLY B 115 12.18 -3.59 12.13
N VAL B 116 11.82 -2.32 12.26
CA VAL B 116 12.54 -1.39 13.12
C VAL B 116 12.41 -1.76 14.60
N PHE B 117 11.29 -2.39 14.97
CA PHE B 117 11.06 -2.84 16.33
C PHE B 117 11.49 -4.29 16.52
N PRO B 118 12.13 -4.60 17.66
CA PRO B 118 12.48 -5.97 17.96
C PRO B 118 11.23 -6.85 18.08
N GLY B 119 11.25 -7.97 17.38
CA GLY B 119 10.15 -8.93 17.42
C GLY B 119 9.16 -8.80 16.29
N SER B 120 9.31 -7.76 15.47
CA SER B 120 8.42 -7.52 14.33
C SER B 120 8.82 -8.37 13.11
N ASP B 121 9.91 -9.14 13.23
CA ASP B 121 10.35 -10.05 12.16
C ASP B 121 9.51 -11.33 12.07
N ASP B 122 8.64 -11.52 13.05
CA ASP B 122 7.76 -12.69 13.14
C ASP B 122 6.83 -12.86 11.93
N PRO B 123 6.90 -14.03 11.27
CA PRO B 123 6.06 -14.31 10.08
C PRO B 123 4.54 -14.19 10.29
N LEU B 124 4.04 -14.58 11.45
CA LEU B 124 2.60 -14.43 11.71
C LEU B 124 2.19 -12.96 11.88
N ILE B 125 3.04 -12.18 12.54
CA ILE B 125 2.84 -10.73 12.64
C ILE B 125 2.89 -10.10 11.25
N ARG B 126 3.90 -10.51 10.48
CA ARG B 126 4.10 -9.97 9.15
C ARG B 126 2.94 -10.27 8.21
N LYS B 127 2.36 -11.47 8.27
CA LYS B 127 1.18 -11.79 7.46
C LYS B 127 -0.03 -10.93 7.84
N SER B 128 -0.32 -10.85 9.14
CA SER B 128 -1.52 -10.13 9.59
C SER B 128 -1.47 -8.66 9.24
N VAL B 129 -0.29 -8.05 9.40
CA VAL B 129 -0.07 -6.62 9.14
C VAL B 129 0.01 -6.34 7.63
N GLN B 130 0.66 -7.21 6.87
CA GLN B 130 0.68 -7.01 5.41
C GLN B 130 -0.72 -7.12 4.79
N GLN B 131 -1.56 -8.04 5.30
CA GLN B 131 -2.95 -8.16 4.87
C GLN B 131 -3.69 -6.86 5.22
N ALA B 132 -3.42 -6.32 6.41
CA ALA B 132 -3.98 -5.01 6.78
C ALA B 132 -3.57 -3.88 5.85
N ILE B 133 -2.32 -3.87 5.43
CA ILE B 133 -1.82 -2.90 4.48
C ILE B 133 -2.52 -3.01 3.11
N VAL B 134 -2.72 -4.24 2.63
CA VAL B 134 -3.56 -4.45 1.43
C VAL B 134 -4.93 -3.83 1.65
N ASP B 135 -5.51 -4.07 2.83
CA ASP B 135 -6.85 -3.57 3.15
C ASP B 135 -6.87 -2.04 3.08
N GLU B 136 -5.90 -1.39 3.71
CA GLU B 136 -5.90 0.07 3.75
C GLU B 136 -5.76 0.68 2.36
N SER B 137 -4.95 0.08 1.48
CA SER B 137 -4.81 0.59 0.11
C SER B 137 -6.15 0.50 -0.64
N PHE B 138 -6.90 -0.55 -0.36
CA PHE B 138 -8.24 -0.70 -0.95
C PHE B 138 -9.26 0.22 -0.28
N HIS B 139 -9.15 0.46 1.01
CA HIS B 139 -10.03 1.44 1.66
C HIS B 139 -9.82 2.83 1.03
N THR B 140 -8.56 3.20 0.82
CA THR B 140 -8.23 4.48 0.18
C THR B 140 -8.90 4.56 -1.21
N TYR B 141 -8.76 3.49 -1.97
CA TYR B 141 -9.42 3.35 -3.28
C TYR B 141 -10.94 3.56 -3.17
N MET B 142 -11.60 2.82 -2.30
CA MET B 142 -13.06 2.96 -2.13
C MET B 142 -13.45 4.38 -1.82
N HIS B 143 -12.76 4.98 -0.85
CA HIS B 143 -13.14 6.32 -0.41
C HIS B 143 -12.85 7.39 -1.45
N MET B 144 -11.73 7.24 -2.17
CA MET B 144 -11.40 8.15 -3.27
C MET B 144 -12.49 8.09 -4.34
N LEU B 145 -12.91 6.88 -4.69
CA LEU B 145 -14.00 6.65 -5.64
C LEU B 145 -15.30 7.32 -5.23
N ALA B 146 -15.62 7.23 -3.94
CA ALA B 146 -16.87 7.80 -3.41
C ALA B 146 -16.87 9.32 -3.61
N ILE B 147 -15.72 9.94 -3.33
CA ILE B 147 -15.56 11.38 -3.54
C ILE B 147 -15.76 11.74 -5.01
N ASP B 148 -15.05 11.04 -5.89
CA ASP B 148 -15.13 11.35 -7.32
C ASP B 148 -16.51 11.14 -7.91
N ARG B 149 -17.15 10.03 -7.56
CA ARG B 149 -18.47 9.73 -8.09
C ARG B 149 -19.50 10.72 -7.53
N THR B 150 -19.39 11.07 -6.25
CA THR B 150 -20.31 12.07 -5.66
C THR B 150 -20.11 13.45 -6.30
N ARG B 151 -18.86 13.88 -6.47
CA ARG B 151 -18.57 15.20 -7.06
C ARG B 151 -19.07 15.34 -8.49
N GLU B 152 -18.99 14.25 -9.23
CA GLU B 152 -19.51 14.23 -10.61
C GLU B 152 -21.03 14.27 -10.62
N LEU B 153 -21.66 13.35 -9.89
CA LEU B 153 -23.12 13.21 -9.95
C LEU B 153 -23.89 14.36 -9.30
N ARG B 154 -23.31 14.95 -8.26
CA ARG B 154 -23.92 16.12 -7.58
C ARG B 154 -23.47 17.43 -8.20
N LYS B 155 -22.59 17.34 -9.20
CA LYS B 155 -22.06 18.50 -9.94
C LYS B 155 -21.34 19.51 -9.04
N ILE B 156 -20.47 19.03 -8.16
CA ILE B 156 -19.62 19.92 -7.37
C ILE B 156 -18.25 20.05 -8.02
N SER B 157 -18.09 21.11 -8.80
CA SER B 157 -16.87 21.32 -9.58
C SER B 157 -15.77 22.01 -8.76
N GLU B 158 -16.16 22.48 -7.58
CA GLU B 158 -15.34 23.39 -6.78
C GLU B 158 -15.50 23.07 -5.29
N ARG B 159 -14.39 22.80 -4.62
CA ARG B 159 -14.43 22.53 -3.18
C ARG B 159 -13.19 23.08 -2.47
N PRO B 160 -13.41 23.83 -1.37
CA PRO B 160 -12.32 24.55 -0.69
C PRO B 160 -11.33 23.60 0.01
N PRO B 161 -10.09 24.06 0.26
CA PRO B 161 -9.14 23.20 0.95
C PRO B 161 -9.66 22.81 2.35
N GLN B 162 -9.49 21.54 2.69
CA GLN B 162 -9.87 21.02 3.99
C GLN B 162 -8.81 21.36 5.04
N PRO B 163 -9.21 21.45 6.33
CA PRO B 163 -8.22 21.73 7.36
C PRO B 163 -7.37 20.50 7.64
N GLU B 164 -6.23 20.70 8.28
CA GLU B 164 -5.36 19.62 8.70
C GLU B 164 -6.10 18.83 9.77
N LEU B 165 -6.09 17.50 9.66
CA LEU B 165 -6.69 16.64 10.69
C LEU B 165 -6.27 17.10 12.06
N VAL B 166 -7.20 17.15 13.00
CA VAL B 166 -6.86 17.46 14.38
C VAL B 166 -5.88 16.40 14.93
N THR B 167 -6.18 15.12 14.67
CA THR B 167 -5.33 13.99 15.08
C THR B 167 -3.92 14.12 14.52
N TYR B 168 -3.82 14.57 13.27
CA TYR B 168 -2.52 14.71 12.62
C TYR B 168 -1.73 15.91 13.13
N ARG B 169 -2.41 17.05 13.34
CA ARG B 169 -1.79 18.26 13.89
C ARG B 169 -1.17 17.98 15.25
N ARG B 170 -1.86 17.18 16.05
CA ARG B 170 -1.39 16.79 17.37
C ARG B 170 -0.20 15.83 17.30
N LEU B 171 -0.16 15.01 16.23
CA LEU B 171 0.95 14.12 15.95
C LEU B 171 2.21 14.92 15.68
N ARG B 172 2.11 15.87 14.74
CA ARG B 172 3.20 16.79 14.42
C ARG B 172 3.79 17.42 15.68
N ARG B 173 2.89 17.87 16.59
CA ARG B 173 3.27 18.51 17.86
C ARG B 173 4.16 17.63 18.74
N VAL B 174 3.68 16.41 18.98
CA VAL B 174 4.43 15.39 19.74
C VAL B 174 5.75 15.07 19.08
N LEU B 175 5.76 14.94 17.74
CA LEU B 175 6.98 14.63 17.01
C LEU B 175 7.97 15.79 17.05
N ALA B 176 7.45 17.01 17.21
CA ALA B 176 8.29 18.20 17.36
C ALA B 176 8.96 18.19 18.74
N ASP B 177 8.17 17.81 19.75
CA ASP B 177 8.64 17.70 21.12
C ASP B 177 9.59 16.52 21.32
N MET B 178 9.23 15.37 20.74
CA MET B 178 10.03 14.14 20.88
C MET B 178 10.99 13.93 19.71
N PRO B 179 12.29 13.77 20.02
CA PRO B 179 13.32 14.23 19.10
C PRO B 179 13.79 13.20 18.05
N GLU B 180 14.64 12.27 18.50
CA GLU B 180 15.41 11.42 17.64
C GLU B 180 14.54 10.45 16.87
N GLN B 181 15.13 9.87 15.83
CA GLN B 181 14.46 8.86 15.04
C GLN B 181 13.78 7.80 15.92
N TRP B 182 14.50 7.34 16.95
CA TRP B 182 14.02 6.24 17.80
C TRP B 182 12.73 6.56 18.57
N GLU B 183 12.57 7.81 19.03
CA GLU B 183 11.34 8.18 19.70
C GLU B 183 10.23 8.42 18.67
N ARG B 184 10.62 9.00 17.52
CA ARG B 184 9.67 9.25 16.42
C ARG B 184 8.98 7.97 15.93
N ASP B 185 9.68 6.83 15.97
CA ASP B 185 9.11 5.52 15.60
C ASP B 185 8.01 5.08 16.55
N ILE B 186 8.26 5.23 17.86
CA ILE B 186 7.31 4.84 18.91
C ILE B 186 6.02 5.66 18.83
N ALA B 187 6.15 6.98 18.64
CA ALA B 187 5.01 7.88 18.49
C ALA B 187 4.13 7.54 17.28
N VAL B 188 4.78 7.31 16.14
CA VAL B 188 4.06 6.90 14.93
C VAL B 188 3.28 5.61 15.16
N LEU B 189 3.91 4.63 15.81
CA LEU B 189 3.29 3.33 16.16
C LEU B 189 2.05 3.49 17.03
N VAL B 190 2.19 4.24 18.11
CA VAL B 190 1.06 4.49 19.00
C VAL B 190 -0.06 5.23 18.27
N TRP B 191 0.28 6.29 17.54
CA TRP B 191 -0.75 7.07 16.82
C TRP B 191 -1.55 6.13 15.93
N GLY B 192 -0.83 5.29 15.19
CA GLY B 192 -1.44 4.31 14.29
C GLY B 192 -2.32 3.32 15.05
N ALA B 193 -1.84 2.89 16.21
CA ALA B 193 -2.53 1.86 16.99
C ALA B 193 -3.86 2.38 17.53
N VAL B 194 -3.85 3.61 18.02
CA VAL B 194 -5.06 4.24 18.54
C VAL B 194 -6.06 4.46 17.41
N ALA B 195 -5.59 4.95 16.27
CA ALA B 195 -6.45 5.17 15.13
C ALA B 195 -7.20 3.89 14.74
N GLU B 196 -6.51 2.75 14.82
CA GLU B 196 -7.05 1.47 14.32
C GLU B 196 -7.91 0.73 15.35
N THR B 197 -7.82 1.14 16.62
CA THR B 197 -8.59 0.52 17.71
C THR B 197 -9.74 1.37 18.25
N CYS B 198 -9.82 2.64 17.82
CA CYS B 198 -10.93 3.53 18.22
C CYS B 198 -11.78 3.82 16.99
N ILE B 199 -12.96 3.22 16.94
CA ILE B 199 -13.80 3.27 15.74
C ILE B 199 -14.66 4.53 15.66
N ASN B 200 -14.44 5.30 14.61
CA ASN B 200 -15.24 6.49 14.28
C ASN B 200 -16.73 6.19 14.41
N ALA B 201 -17.45 6.97 15.20
CA ALA B 201 -18.91 6.84 15.26
C ALA B 201 -19.52 6.88 13.86
N LEU B 202 -19.02 7.78 13.01
CA LEU B 202 -19.58 7.97 11.68
C LEU B 202 -19.44 6.74 10.82
N LEU B 203 -18.30 6.05 10.94
CA LEU B 203 -18.13 4.77 10.26
C LEU B 203 -19.31 3.84 10.57
N ALA B 204 -19.58 3.62 11.85
CA ALA B 204 -20.62 2.68 12.26
C ALA B 204 -22.04 3.17 11.98
N LEU B 205 -22.27 4.46 12.14
CA LEU B 205 -23.61 5.02 11.87
C LEU B 205 -23.95 5.10 10.37
N LEU B 206 -22.96 5.36 9.53
CA LEU B 206 -23.20 5.32 8.08
C LEU B 206 -23.42 3.89 7.58
N ALA B 207 -22.68 2.94 8.13
CA ALA B 207 -22.74 1.54 7.68
C ALA B 207 -24.15 0.95 7.78
N ARG B 208 -24.86 1.34 8.84
CA ARG B 208 -26.17 0.79 9.13
C ARG B 208 -27.31 1.63 8.57
N ASP B 209 -27.01 2.75 7.94
CA ASP B 209 -28.07 3.67 7.53
C ASP B 209 -28.81 3.24 6.26
N ALA B 210 -30.11 3.04 6.40
CA ALA B 210 -30.93 2.51 5.31
C ALA B 210 -31.58 3.61 4.45
N THR B 211 -31.31 4.88 4.76
CA THR B 211 -31.94 6.02 4.08
C THR B 211 -31.02 6.67 3.03
N ILE B 212 -29.71 6.45 3.15
CA ILE B 212 -28.72 7.10 2.28
C ILE B 212 -28.35 6.23 1.08
N GLN B 213 -27.70 6.83 0.09
CA GLN B 213 -27.20 6.07 -1.08
C GLN B 213 -26.68 4.70 -0.62
N PRO B 214 -27.22 3.61 -1.21
CA PRO B 214 -26.80 2.24 -0.89
C PRO B 214 -25.29 2.00 -0.96
N MET B 215 -24.60 2.70 -1.85
CA MET B 215 -23.16 2.48 -1.95
C MET B 215 -22.38 3.22 -0.86
N HIS B 216 -23.00 4.22 -0.22
CA HIS B 216 -22.39 4.94 0.91
C HIS B 216 -22.42 4.07 2.18
N SER B 217 -23.57 3.45 2.45
CA SER B 217 -23.68 2.46 3.52
C SER B 217 -22.87 1.19 3.21
N LEU B 218 -22.73 0.86 1.93
CA LEU B 218 -21.96 -0.31 1.54
C LEU B 218 -20.47 -0.12 1.79
N ILE B 219 -19.90 0.98 1.30
CA ILE B 219 -18.49 1.29 1.53
C ILE B 219 -18.15 1.28 3.01
N THR B 220 -19.01 1.89 3.83
CA THR B 220 -18.74 1.96 5.26
C THR B 220 -18.95 0.62 5.98
N THR B 221 -19.90 -0.17 5.50
CA THR B 221 -20.11 -1.52 6.00
C THR B 221 -18.87 -2.38 5.74
N LEU B 222 -18.34 -2.27 4.52
CA LEU B 222 -17.14 -3.00 4.09
C LEU B 222 -15.92 -2.59 4.91
N HIS B 223 -15.74 -1.30 5.10
CA HIS B 223 -14.58 -0.74 5.81
C HIS B 223 -14.64 -1.16 7.28
N LEU B 224 -15.83 -1.06 7.87
CA LEU B 224 -16.06 -1.47 9.26
C LEU B 224 -15.74 -2.96 9.51
N ARG B 225 -16.21 -3.84 8.60
CA ARG B 225 -15.90 -5.25 8.68
C ARG B 225 -14.36 -5.46 8.74
N ASP B 226 -13.61 -4.78 7.88
CA ASP B 226 -12.16 -4.87 7.90
C ASP B 226 -11.59 -4.28 9.17
N GLU B 227 -12.10 -3.11 9.57
CA GLU B 227 -11.57 -2.39 10.74
C GLU B 227 -11.76 -3.16 12.04
N THR B 228 -12.87 -3.90 12.15
CA THR B 228 -13.11 -4.75 13.32
C THR B 228 -11.95 -5.77 13.48
N ALA B 229 -11.56 -6.38 12.37
CA ALA B 229 -10.39 -7.26 12.34
C ALA B 229 -9.07 -6.54 12.66
N HIS B 230 -8.86 -5.38 12.06
CA HIS B 230 -7.64 -4.57 12.29
C HIS B 230 -7.43 -4.21 13.75
N GLY B 231 -8.50 -3.81 14.43
CA GLY B 231 -8.45 -3.57 15.86
C GLY B 231 -7.92 -4.80 16.61
N SER B 232 -8.46 -5.97 16.29
CA SER B 232 -7.99 -7.21 16.92
C SER B 232 -6.51 -7.50 16.61
N ILE B 233 -6.12 -7.31 15.35
CA ILE B 233 -4.72 -7.41 14.93
C ILE B 233 -3.78 -6.51 15.73
N VAL B 234 -4.15 -5.24 15.84
CA VAL B 234 -3.31 -4.24 16.51
C VAL B 234 -3.09 -4.56 17.99
N VAL B 235 -4.15 -4.94 18.71
CA VAL B 235 -4.02 -5.33 20.12
C VAL B 235 -2.99 -6.47 20.29
N GLU B 236 -3.01 -7.46 19.39
CA GLU B 236 -2.09 -8.59 19.45
C GLU B 236 -0.65 -8.16 19.17
N VAL B 237 -0.48 -7.40 18.09
CA VAL B 237 0.84 -6.97 17.62
C VAL B 237 1.51 -6.05 18.63
N VAL B 238 0.83 -4.99 19.04
CA VAL B 238 1.41 -4.01 19.97
C VAL B 238 1.85 -4.69 21.27
N ARG B 239 1.02 -5.57 21.81
CA ARG B 239 1.41 -6.38 22.95
C ARG B 239 2.76 -7.09 22.75
N GLU B 240 2.92 -7.76 21.61
CA GLU B 240 4.14 -8.50 21.31
C GLU B 240 5.35 -7.59 21.15
N LEU B 241 5.14 -6.44 20.50
CA LEU B 241 6.21 -5.46 20.31
C LEU B 241 6.61 -4.75 21.61
N TYR B 242 5.63 -4.52 22.49
CA TYR B 242 5.86 -3.92 23.81
C TYR B 242 6.79 -4.77 24.68
N ALA B 243 6.63 -6.09 24.56
CA ALA B 243 7.44 -7.06 25.34
C ALA B 243 8.93 -6.97 25.04
N ARG B 244 9.26 -6.69 23.78
CA ARG B 244 10.65 -6.72 23.29
C ARG B 244 11.33 -5.36 23.42
N MET B 245 10.58 -4.33 23.77
CA MET B 245 11.13 -2.98 23.86
C MET B 245 12.04 -2.80 25.07
N ASN B 246 13.05 -1.93 24.94
CA ASN B 246 13.90 -1.57 26.07
C ASN B 246 13.23 -0.49 26.92
N GLU B 247 13.73 -0.30 28.15
CA GLU B 247 13.04 0.49 29.16
C GLU B 247 12.74 1.92 28.72
N GLN B 248 13.86 2.54 27.91
CA GLN B 248 13.61 3.89 27.35
C GLN B 248 12.39 3.88 26.41
N GLN B 249 12.19 2.77 25.69
CA GLN B 249 11.11 2.63 24.69
C GLN B 249 9.72 2.50 25.34
N ARG B 250 9.60 1.53 26.28
CA ARG B 250 8.36 1.33 27.05
C ARG B 250 7.92 2.63 27.73
N ARG B 251 8.85 3.31 28.41
CA ARG B 251 8.57 4.62 29.02
C ARG B 251 7.94 5.57 27.98
N ALA B 252 8.57 5.63 26.81
CA ALA B 252 8.14 6.51 25.71
C ALA B 252 6.75 6.15 25.17
N LEU B 253 6.47 4.85 25.10
CA LEU B 253 5.18 4.36 24.62
C LEU B 253 4.07 4.66 25.63
N VAL B 254 4.36 4.48 26.91
CA VAL B 254 3.38 4.73 27.97
C VAL B 254 3.04 6.21 28.07
N ARG B 255 4.05 7.07 27.99
CA ARG B 255 3.83 8.52 27.99
C ARG B 255 3.08 8.96 26.74
N CYS B 256 3.10 8.11 25.73
CA CYS B 256 2.53 8.44 24.43
C CYS B 256 1.04 8.07 24.30
N LEU B 257 0.63 6.98 24.95
CA LEU B 257 -0.74 6.49 24.83
C LEU B 257 -1.82 7.56 25.10
N PRO B 258 -1.78 8.19 26.30
CA PRO B 258 -2.87 9.15 26.60
C PRO B 258 -2.94 10.36 25.67
N ILE B 259 -1.80 10.77 25.12
CA ILE B 259 -1.77 11.94 24.23
C ILE B 259 -2.45 11.59 22.91
N ALA B 260 -2.16 10.40 22.37
CA ALA B 260 -2.87 9.94 21.18
C ALA B 260 -4.36 9.75 21.49
N LEU B 261 -4.67 9.15 22.65
CA LEU B 261 -6.06 8.89 23.01
C LEU B 261 -6.87 10.19 23.15
N GLU B 262 -6.27 11.17 23.82
CA GLU B 262 -6.91 12.49 23.93
C GLU B 262 -7.10 13.10 22.53
N ALA B 263 -6.10 12.95 21.66
CA ALA B 263 -6.15 13.43 20.27
C ALA B 263 -7.33 12.86 19.50
N PHE B 264 -7.59 11.57 19.68
CA PHE B 264 -8.70 10.93 18.97
C PHE B 264 -10.06 11.18 19.63
N ALA B 265 -10.05 11.78 20.81
CA ALA B 265 -11.28 12.08 21.54
C ALA B 265 -11.70 13.54 21.38
N GLU B 266 -10.76 14.42 21.05
CA GLU B 266 -11.05 15.86 20.96
C GLU B 266 -11.80 16.21 19.68
N GLN B 267 -12.92 16.91 19.81
CA GLN B 267 -13.66 17.30 18.62
C GLN B 267 -13.15 18.61 18.05
N ASP B 268 -13.08 18.65 16.73
CA ASP B 268 -12.65 19.80 15.97
C ASP B 268 -13.84 20.21 15.12
N LEU B 269 -14.41 21.37 15.43
CA LEU B 269 -15.62 21.85 14.76
C LEU B 269 -15.32 22.60 13.44
N SER B 270 -14.04 22.79 13.15
CA SER B 270 -13.60 23.55 12.00
C SER B 270 -14.11 23.03 10.64
N ALA B 271 -14.25 21.71 10.51
CA ALA B 271 -14.78 21.14 9.28
C ALA B 271 -16.30 21.28 9.13
N LEU B 272 -17.01 21.50 10.24
CA LEU B 272 -18.43 21.80 10.17
C LEU B 272 -18.61 23.21 9.63
N LEU B 273 -17.81 24.15 10.18
CA LEU B 273 -17.88 25.55 9.78
C LEU B 273 -17.58 25.74 8.29
N LEU B 274 -16.83 24.82 7.71
CA LEU B 274 -16.54 24.86 6.28
C LEU B 274 -17.69 24.40 5.40
N GLU B 275 -18.35 23.30 5.77
CA GLU B 275 -19.49 22.82 4.99
C GLU B 275 -20.65 23.83 4.97
N LEU B 276 -20.86 24.52 6.10
CA LEU B 276 -21.91 25.54 6.23
C LEU B 276 -21.56 26.82 5.46
N ASN B 277 -20.30 27.24 5.55
CA ASN B 277 -19.83 28.44 4.86
C ASN B 277 -19.61 28.23 3.36
N ALA B 278 -19.64 26.98 2.92
CA ALA B 278 -19.51 26.66 1.50
C ALA B 278 -20.90 26.59 0.86
N ALA B 279 -21.84 25.97 1.57
CA ALA B 279 -23.22 25.82 1.09
C ALA B 279 -24.04 27.11 1.18
N GLY B 280 -23.47 28.15 1.79
CA GLY B 280 -24.07 29.47 1.80
C GLY B 280 -25.02 29.74 2.95
N ILE B 281 -24.91 28.96 4.01
CA ILE B 281 -25.82 29.09 5.15
C ILE B 281 -25.42 30.25 6.08
N ARG B 282 -26.32 31.22 6.25
CA ARG B 282 -26.05 32.42 7.06
C ARG B 282 -26.04 32.10 8.56
N GLY B 283 -25.14 32.75 9.31
CA GLY B 283 -24.94 32.47 10.73
C GLY B 283 -24.19 31.16 11.01
N ALA B 284 -23.29 30.77 10.11
CA ALA B 284 -22.49 29.55 10.29
C ALA B 284 -21.68 29.58 11.59
N GLU B 285 -21.17 30.76 11.93
CA GLU B 285 -20.41 31.01 13.17
C GLU B 285 -21.23 30.76 14.44
N GLU B 286 -22.45 31.30 14.46
CA GLU B 286 -23.38 31.09 15.58
C GLU B 286 -23.74 29.61 15.74
N ILE B 287 -24.02 28.95 14.63
CA ILE B 287 -24.33 27.52 14.64
C ILE B 287 -23.21 26.76 15.33
N VAL B 288 -21.98 26.94 14.84
CA VAL B 288 -20.82 26.25 15.42
C VAL B 288 -20.56 26.71 16.85
N GLY B 289 -20.80 27.99 17.13
CA GLY B 289 -20.71 28.52 18.49
C GLY B 289 -21.67 27.79 19.42
N ASP B 290 -22.91 27.63 18.98
CA ASP B 290 -23.94 26.88 19.72
C ASP B 290 -23.57 25.42 19.92
N LEU B 291 -22.75 24.87 19.04
CA LEU B 291 -22.25 23.53 19.24
C LEU B 291 -21.14 23.55 20.29
N ARG B 299 -23.82 9.24 21.04
CA ARG B 299 -22.95 10.39 20.72
C ARG B 299 -21.90 10.06 19.65
N LEU B 300 -21.50 11.08 18.88
CA LEU B 300 -20.45 10.92 17.87
C LEU B 300 -19.06 10.65 18.46
N VAL B 301 -19.02 10.24 19.73
CA VAL B 301 -17.79 9.81 20.38
C VAL B 301 -17.37 8.43 19.82
N ARG B 302 -16.07 8.27 19.57
CA ARG B 302 -15.51 7.01 19.05
C ARG B 302 -15.79 5.87 20.03
N ASP B 303 -15.81 4.65 19.51
CA ASP B 303 -15.83 3.48 20.34
C ASP B 303 -14.38 3.17 20.73
N PHE B 304 -14.04 3.45 21.99
CA PHE B 304 -12.68 3.24 22.51
C PHE B 304 -12.46 1.81 23.06
N SER B 305 -13.37 0.90 22.75
CA SER B 305 -13.37 -0.46 23.32
C SER B 305 -12.08 -1.21 23.00
N GLY B 306 -11.67 -1.14 21.73
CA GLY B 306 -10.46 -1.80 21.27
C GLY B 306 -9.23 -1.23 21.93
N ALA B 307 -9.21 0.08 22.11
CA ALA B 307 -8.09 0.78 22.74
C ALA B 307 -7.96 0.44 24.22
N ARG B 308 -9.09 0.29 24.90
CA ARG B 308 -9.12 -0.17 26.30
C ARG B 308 -8.48 -1.55 26.44
N LYS B 309 -8.81 -2.46 25.53
CA LYS B 309 -8.23 -3.80 25.48
C LYS B 309 -6.72 -3.75 25.25
N MET B 310 -6.29 -2.88 24.32
CA MET B 310 -4.87 -2.70 24.05
C MET B 310 -4.15 -2.31 25.35
N VAL B 311 -4.76 -1.37 26.08
CA VAL B 311 -4.25 -0.92 27.37
C VAL B 311 -4.08 -2.04 28.40
N GLU B 312 -5.07 -2.91 28.53
CA GLU B 312 -5.00 -4.02 29.49
C GLU B 312 -4.03 -5.12 29.03
N GLN B 313 -4.01 -5.38 27.73
CA GLN B 313 -3.06 -6.31 27.12
C GLN B 313 -1.61 -5.90 27.36
N LEU B 314 -1.40 -4.60 27.54
CA LEU B 314 -0.08 -4.08 27.89
C LEU B 314 0.13 -4.00 29.40
N GLY B 315 -0.91 -4.30 30.17
CA GLY B 315 -0.86 -4.20 31.63
C GLY B 315 -0.71 -2.77 32.11
N LEU B 316 -1.26 -1.84 31.35
CA LEU B 316 -1.16 -0.42 31.66
C LEU B 316 -2.51 0.12 32.13
N ASP B 317 -3.28 -0.76 32.78
CA ASP B 317 -4.64 -0.46 33.24
C ASP B 317 -4.64 0.70 34.25
N ASP B 318 -3.71 0.65 35.19
CA ASP B 318 -3.58 1.68 36.23
C ASP B 318 -2.74 2.87 35.78
N ALA B 319 -1.86 2.62 34.79
CA ALA B 319 -0.84 3.60 34.37
C ALA B 319 -1.37 4.74 33.49
N VAL B 320 -2.31 4.42 32.59
CA VAL B 320 -2.83 5.39 31.61
C VAL B 320 -3.84 6.38 32.20
N ASP B 321 -3.47 7.66 32.25
CA ASP B 321 -4.41 8.70 32.66
C ASP B 321 -5.26 9.12 31.45
N PHE B 322 -6.32 8.35 31.24
CA PHE B 322 -7.31 8.66 30.23
C PHE B 322 -8.64 8.08 30.67
N ASP B 323 -9.69 8.89 30.61
CA ASP B 323 -11.02 8.44 31.02
C ASP B 323 -11.79 7.90 29.84
N PHE B 324 -11.79 6.57 29.71
CA PHE B 324 -12.50 5.89 28.62
C PHE B 324 -14.01 6.10 28.74
N PRO B 325 -14.64 6.63 27.67
CA PRO B 325 -16.09 6.74 27.65
C PRO B 325 -16.76 5.37 27.65
N GLU B 326 -18.00 5.30 28.12
CA GLU B 326 -18.78 4.07 28.05
C GLU B 326 -18.93 3.64 26.58
N ARG B 327 -18.95 2.33 26.37
CA ARG B 327 -19.16 1.77 25.03
C ARG B 327 -20.43 2.36 24.40
N PRO B 328 -20.32 2.87 23.15
CA PRO B 328 -21.49 3.40 22.46
C PRO B 328 -22.45 2.28 22.08
N ASP B 329 -23.74 2.60 22.01
CA ASP B 329 -24.80 1.62 21.78
C ASP B 329 -24.56 0.74 20.55
N TRP B 330 -24.15 1.38 19.45
CA TRP B 330 -23.83 0.68 18.21
C TRP B 330 -22.60 -0.21 18.37
FE1 FEO C . 3.65 -3.63 -10.86
FE2 FEO C . 4.31 -6.07 -8.55
O FEO C . 3.68 -5.47 -10.46
C 4NB D . 10.35 -9.60 -10.79
O1 4NB D . 9.71 -10.65 -11.00
O2 4NB D . 11.60 -9.58 -10.70
C1 4NB D . 9.56 -8.35 -10.59
C2 4NB D . 10.14 -7.30 -9.86
C3 4NB D . 9.43 -6.13 -9.67
C4 4NB D . 8.15 -6.00 -10.21
C5 4NB D . 7.58 -7.03 -10.94
C6 4NB D . 8.29 -8.21 -11.13
N 4NB D . 7.48 -4.80 -9.99
O1' 4NB D . 6.28 -4.83 -9.73
O2' 4NB D . 8.11 -3.74 -10.04
FE1 FEO E . -9.05 1.43 6.75
FE2 FEO E . -7.63 -0.31 9.37
O FEO E . -9.35 -0.13 8.21
#